data_7AC9
#
_entry.id   7AC9
#
_cell.length_a   70.469
_cell.length_b   71.370
_cell.length_c   72.598
_cell.angle_alpha   90.000
_cell.angle_beta   100.470
_cell.angle_gamma   90.000
#
_symmetry.space_group_name_H-M   'C 1 2 1'
#
loop_
_entity.id
_entity.type
_entity.pdbx_description
1 polymer 'Thrombin light chain'
2 polymer 'Thrombin heavy chain'
3 polymer 'Hirudin variant-2'
4 non-polymer 'SODIUM ION'
5 non-polymer 'DIMETHYL SULFOXIDE'
6 non-polymer 'PHOSPHATE ION'
7 non-polymer D-ARGININE
8 non-polymer 2-acetamido-2-deoxy-beta-D-glucopyranose
9 water water
#
loop_
_entity_poly.entity_id
_entity_poly.type
_entity_poly.pdbx_seq_one_letter_code
_entity_poly.pdbx_strand_id
1 'polypeptide(L)' TFGSGEADCGLRPLFEKKSLEDKTERELLESYIDGR L
2 'polypeptide(L)'
;IVEGSDAEIGMSPWQVMLFRKSPQELLCGASLISDRWVLTAAHCLLYPPWDKNFTENDLLVRIGKHSRTRYERNIEKISM
LEKIYIHPRYNWRENLDRDIALMKLKKPVAFSDYIHPVCLPDRETAASLLQAGYKGRVTGWGNLKETWTANVGKGQPSVL
QVVNLPIVERPVCKDSTRIRITDNMFCAGYKPDEGKRGDACEGDSGGPFVMKSPFNNRWYQMGIVSWGEGCDRDGKYGFY
THVFRLKKWIQKVIDQFGE
;
H
3 'polypeptide(L)' GDFEEIPEE(TYS)LQ I
#
loop_
_chem_comp.id
_chem_comp.type
_chem_comp.name
_chem_comp.formula
DMS non-polymer 'DIMETHYL SULFOXIDE' 'C2 H6 O S'
NA non-polymer 'SODIUM ION' 'Na 1'
NAG D-saccharide, beta linking 2-acetamido-2-deoxy-beta-D-glucopyranose 'C8 H15 N O6'
PO4 non-polymer 'PHOSPHATE ION' 'O4 P -3'
#
# COMPACT_ATOMS: atom_id res chain seq x y z
N GLU A 6 6.40 -11.15 10.67
CA GLU A 6 6.14 -12.48 11.30
C GLU A 6 6.95 -13.57 10.62
N ALA A 7 7.04 -14.74 11.26
CA ALA A 7 7.85 -15.82 10.71
C ALA A 7 7.37 -16.21 9.31
N ASP A 8 6.06 -16.19 9.10
N ASP A 8 6.06 -16.22 9.08
CA ASP A 8 5.46 -16.57 7.83
CA ASP A 8 5.53 -16.59 7.79
C ASP A 8 5.01 -15.36 7.02
C ASP A 8 5.00 -15.37 7.03
N CYS A 9 5.58 -14.20 7.30
CA CYS A 9 5.17 -13.01 6.56
C CYS A 9 5.39 -13.23 5.07
N GLY A 10 4.52 -12.62 4.27
CA GLY A 10 4.72 -12.59 2.84
C GLY A 10 4.45 -13.88 2.10
N LEU A 11 3.93 -14.90 2.77
CA LEU A 11 3.55 -16.16 2.16
C LEU A 11 2.04 -16.26 2.21
N ARG A 12 1.38 -16.10 1.06
CA ARG A 12 -0.07 -15.99 1.04
C ARG A 12 -0.74 -17.35 1.22
N PRO A 13 -1.72 -17.45 2.10
CA PRO A 13 -2.42 -18.73 2.27
C PRO A 13 -2.95 -19.34 0.99
N LEU A 14 -3.50 -18.55 0.08
CA LEU A 14 -4.13 -19.09 -1.11
C LEU A 14 -3.16 -19.21 -2.29
N PHE A 15 -1.89 -18.84 -2.11
CA PHE A 15 -0.91 -18.89 -3.20
C PHE A 15 0.34 -19.63 -2.74
N GLU A 16 1.31 -18.91 -2.18
CA GLU A 16 2.57 -19.56 -1.82
C GLU A 16 2.37 -20.76 -0.90
N LYS A 17 1.46 -20.65 0.07
N LYS A 17 1.46 -20.65 0.07
CA LYS A 17 1.30 -21.76 1.01
CA LYS A 17 1.28 -21.74 1.03
C LYS A 17 0.79 -23.01 0.33
C LYS A 17 0.73 -23.00 0.38
N LYS A 18 0.10 -22.89 -0.80
CA LYS A 18 -0.44 -24.01 -1.54
C LYS A 18 0.35 -24.28 -2.82
N SER A 19 1.45 -23.57 -3.03
CA SER A 19 2.20 -23.64 -4.29
C SER A 19 1.31 -23.36 -5.50
N LEU A 20 0.45 -22.34 -5.39
CA LEU A 20 -0.32 -21.84 -6.51
C LEU A 20 0.20 -20.45 -6.86
N GLU A 21 0.34 -20.16 -8.14
N GLU A 21 0.27 -20.15 -8.15
CA GLU A 21 0.77 -18.85 -8.59
CA GLU A 21 0.77 -18.89 -8.68
C GLU A 21 -0.42 -18.02 -9.02
C GLU A 21 -0.39 -18.01 -9.12
N ASP A 22 -0.32 -16.72 -8.78
CA ASP A 22 -1.33 -15.77 -9.25
C ASP A 22 -1.07 -15.45 -10.72
N LYS A 23 -2.04 -14.79 -11.36
CA LYS A 23 -2.04 -14.68 -12.81
C LYS A 23 -0.95 -13.76 -13.36
N THR A 24 -0.36 -12.87 -12.54
CA THR A 24 0.63 -11.94 -13.07
C THR A 24 1.94 -11.89 -12.30
N GLU A 25 2.14 -12.72 -11.28
CA GLU A 25 3.40 -12.63 -10.54
C GLU A 25 4.60 -12.98 -11.42
N ARG A 26 4.39 -13.78 -12.46
CA ARG A 26 5.51 -14.08 -13.35
C ARG A 26 6.05 -12.84 -14.04
N GLU A 27 5.20 -11.85 -14.30
CA GLU A 27 5.67 -10.58 -14.88
C GLU A 27 6.69 -9.92 -13.97
N LEU A 28 6.48 -9.99 -12.66
CA LEU A 28 7.46 -9.45 -11.73
C LEU A 28 8.77 -10.23 -11.82
N LEU A 29 8.69 -11.55 -11.74
CA LEU A 29 9.91 -12.35 -11.79
C LEU A 29 10.72 -12.08 -13.04
N GLU A 30 10.04 -11.97 -14.19
CA GLU A 30 10.73 -11.77 -15.46
C GLU A 30 11.44 -10.42 -15.52
N SER A 31 11.02 -9.46 -14.71
CA SER A 31 11.68 -8.16 -14.68
C SER A 31 12.92 -8.16 -13.78
N TYR A 32 13.13 -9.21 -12.98
CA TYR A 32 14.24 -9.23 -12.02
C TYR A 32 15.42 -9.88 -12.74
N ILE A 33 16.06 -9.08 -13.58
CA ILE A 33 17.08 -9.60 -14.50
C ILE A 33 18.44 -9.50 -13.84
N ILE B 1 -6.85 2.70 -8.79
CA ILE B 1 -5.86 2.15 -9.72
C ILE B 1 -6.32 2.34 -11.16
N VAL B 2 -5.49 2.96 -11.99
CA VAL B 2 -5.78 3.19 -13.40
C VAL B 2 -5.13 2.09 -14.22
N GLU B 3 -5.89 1.49 -15.14
CA GLU B 3 -5.37 0.52 -16.09
C GLU B 3 -4.86 -0.74 -15.42
N GLY B 4 -5.48 -1.10 -14.30
CA GLY B 4 -5.21 -2.36 -13.62
C GLY B 4 -6.27 -3.39 -13.93
N SER B 5 -6.33 -4.41 -13.09
CA SER B 5 -7.31 -5.47 -13.22
C SER B 5 -7.84 -5.86 -11.86
N ASP B 6 -8.92 -6.64 -11.85
CA ASP B 6 -9.48 -7.13 -10.60
C ASP B 6 -8.46 -8.05 -9.92
N ALA B 7 -8.27 -7.87 -8.63
CA ALA B 7 -7.46 -8.80 -7.86
C ALA B 7 -8.13 -10.16 -7.82
N GLU B 8 -7.30 -11.21 -7.71
CA GLU B 8 -7.78 -12.53 -7.36
C GLU B 8 -8.09 -12.59 -5.87
N ILE B 9 -8.96 -13.52 -5.49
CA ILE B 9 -9.27 -13.72 -4.08
C ILE B 9 -7.99 -14.10 -3.33
N GLY B 10 -7.72 -13.40 -2.25
CA GLY B 10 -6.55 -13.67 -1.43
C GLY B 10 -5.23 -13.26 -2.05
N MET B 11 -5.25 -12.47 -3.12
CA MET B 11 -4.01 -12.09 -3.80
C MET B 11 -3.18 -11.10 -3.01
N SER B 12 -3.83 -10.31 -2.16
N SER B 12 -3.82 -10.24 -2.22
CA SER B 12 -3.16 -9.23 -1.42
CA SER B 12 -3.14 -9.24 -1.42
C SER B 12 -3.72 -9.25 0.01
C SER B 12 -3.74 -9.28 -0.02
N PRO B 13 -3.44 -10.32 0.76
CA PRO B 13 -4.13 -10.50 2.05
C PRO B 13 -3.66 -9.57 3.13
N TRP B 14 -2.63 -8.78 2.84
CA TRP B 14 -2.18 -7.70 3.70
C TRP B 14 -2.87 -6.38 3.39
N GLN B 15 -3.70 -6.31 2.36
N GLN B 15 -3.72 -6.33 2.38
CA GLN B 15 -4.33 -5.03 2.02
CA GLN B 15 -4.41 -5.10 2.05
C GLN B 15 -5.32 -4.62 3.10
C GLN B 15 -5.28 -4.65 3.21
N VAL B 16 -5.24 -3.36 3.52
CA VAL B 16 -6.10 -2.78 4.54
C VAL B 16 -6.82 -1.59 3.94
N MET B 17 -8.09 -1.42 4.29
CA MET B 17 -8.85 -0.23 3.96
C MET B 17 -8.95 0.64 5.21
N LEU B 18 -8.52 1.90 5.09
CA LEU B 18 -8.76 2.90 6.13
C LEU B 18 -10.14 3.50 5.88
N PHE B 19 -11.00 3.42 6.88
CA PHE B 19 -12.42 3.72 6.73
C PHE B 19 -12.83 4.78 7.73
N ARG B 20 -13.47 5.84 7.25
N ARG B 20 -13.45 5.85 7.25
CA ARG B 20 -13.97 6.88 8.13
CA ARG B 20 -13.95 6.87 8.15
C ARG B 20 -15.29 6.41 8.75
C ARG B 20 -15.27 6.41 8.75
N LYS B 21 -15.46 6.70 10.04
CA LYS B 21 -16.65 6.25 10.74
C LYS B 21 -17.88 7.06 10.33
N SER B 22 -17.74 8.37 10.21
CA SER B 22 -18.90 9.23 9.97
C SER B 22 -18.46 10.47 9.21
N PRO B 23 -18.85 10.64 7.94
CA PRO B 23 -19.63 9.71 7.12
C PRO B 23 -18.83 8.44 6.80
N GLN B 24 -19.52 7.32 6.62
CA GLN B 24 -18.84 6.05 6.33
C GLN B 24 -18.30 6.11 4.90
N GLU B 25 -16.97 6.15 4.76
CA GLU B 25 -16.36 6.27 3.44
C GLU B 25 -14.92 5.76 3.48
N LEU B 26 -14.45 5.38 2.32
CA LEU B 26 -13.04 5.00 2.18
C LEU B 26 -12.18 6.24 2.30
N LEU B 27 -11.12 6.15 3.10
CA LEU B 27 -10.15 7.22 3.24
C LEU B 27 -8.83 6.95 2.54
N CYS B 28 -8.34 5.73 2.59
CA CYS B 28 -6.99 5.45 2.12
C CYS B 28 -6.82 3.94 2.12
N GLY B 29 -5.74 3.49 1.48
CA GLY B 29 -5.22 2.15 1.69
C GLY B 29 -4.22 2.12 2.82
N ALA B 30 -3.77 0.90 3.11
CA ALA B 30 -2.87 0.61 4.21
C ALA B 30 -2.47 -0.86 4.06
N SER B 31 -1.59 -1.32 4.94
CA SER B 31 -1.13 -2.70 4.86
C SER B 31 -0.92 -3.29 6.25
N LEU B 32 -1.12 -4.60 6.34
CA LEU B 32 -0.96 -5.33 7.58
C LEU B 32 0.46 -5.88 7.67
N ILE B 33 1.18 -5.48 8.72
CA ILE B 33 2.57 -5.92 8.90
C ILE B 33 2.75 -6.85 10.09
N SER B 34 1.74 -6.99 10.94
CA SER B 34 1.73 -7.97 12.02
C SER B 34 0.28 -8.08 12.47
N ASP B 35 0.05 -8.88 13.52
CA ASP B 35 -1.34 -9.01 13.97
C ASP B 35 -1.86 -7.78 14.68
N ARG B 36 -1.01 -6.78 14.97
CA ARG B 36 -1.43 -5.59 15.68
C ARG B 36 -1.03 -4.27 15.04
N TRP B 37 -0.30 -4.30 13.92
CA TRP B 37 0.27 -3.10 13.34
C TRP B 37 -0.10 -2.96 11.88
N VAL B 38 -0.51 -1.76 11.49
CA VAL B 38 -0.89 -1.43 10.13
C VAL B 38 -0.04 -0.24 9.70
N LEU B 39 0.48 -0.31 8.49
CA LEU B 39 1.31 0.73 7.89
C LEU B 39 0.52 1.50 6.85
N THR B 40 0.71 2.83 6.84
CA THR B 40 0.03 3.69 5.87
C THR B 40 0.90 4.91 5.60
N ALA B 41 0.38 5.81 4.77
CA ALA B 41 1.01 7.09 4.49
C ALA B 41 0.58 8.11 5.54
N ALA B 42 1.53 8.94 5.97
CA ALA B 42 1.21 9.99 6.93
C ALA B 42 0.12 10.91 6.40
N HIS B 43 0.15 11.24 5.10
CA HIS B 43 -0.82 12.20 4.58
C HIS B 43 -2.24 11.67 4.61
N CYS B 44 -2.43 10.36 4.80
CA CYS B 44 -3.76 9.80 4.98
C CYS B 44 -4.36 10.20 6.30
N LEU B 45 -3.53 10.55 7.28
CA LEU B 45 -3.96 10.88 8.62
C LEU B 45 -3.77 12.35 8.97
N LEU B 46 -2.77 13.00 8.37
CA LEU B 46 -2.41 14.36 8.74
C LEU B 46 -2.03 15.12 7.48
N TYR B 47 -2.83 16.12 7.12
CA TYR B 47 -2.52 16.99 5.99
C TYR B 47 -3.17 18.34 6.26
N PRO B 48 -2.47 19.21 6.97
CA PRO B 48 -3.08 20.49 7.41
C PRO B 48 -3.54 21.38 6.26
N PRO B 49 -2.92 21.33 5.09
CA PRO B 49 -3.43 22.18 4.00
C PRO B 49 -4.89 21.92 3.67
N TRP B 50 -5.37 20.70 3.94
CA TRP B 50 -6.73 20.29 3.69
C TRP B 50 -7.52 20.13 4.99
N ASP B 51 -7.02 20.68 6.08
CA ASP B 51 -7.67 20.59 7.37
C ASP B 51 -7.89 19.14 7.80
N LYS B 52 -6.94 18.28 7.45
CA LYS B 52 -7.02 16.86 7.80
C LYS B 52 -6.10 16.56 8.98
N ASN B 53 -6.69 16.08 10.08
CA ASN B 53 -5.92 15.67 11.25
C ASN B 53 -6.73 14.66 12.04
N PHE B 54 -6.78 13.42 11.58
CA PHE B 54 -7.64 12.43 12.18
C PHE B 54 -7.11 11.95 13.52
N THR B 55 -8.03 11.67 14.44
CA THR B 55 -7.70 10.99 15.69
C THR B 55 -8.11 9.52 15.60
N GLU B 56 -7.64 8.74 16.56
CA GLU B 56 -7.90 7.31 16.56
C GLU B 56 -9.40 7.00 16.45
N ASN B 57 -10.24 7.70 17.22
CA ASN B 57 -11.65 7.33 17.27
C ASN B 57 -12.39 7.75 16.00
N ASP B 58 -11.74 8.48 15.08
CA ASP B 58 -12.39 8.87 13.85
C ASP B 58 -12.46 7.74 12.84
N LEU B 59 -11.66 6.69 13.05
CA LEU B 59 -11.30 5.78 11.99
C LEU B 59 -11.50 4.33 12.37
N LEU B 60 -11.70 3.50 11.35
CA LEU B 60 -11.63 2.06 11.48
C LEU B 60 -10.72 1.52 10.39
N VAL B 61 -10.25 0.30 10.59
CA VAL B 61 -9.43 -0.42 9.63
C VAL B 61 -10.20 -1.69 9.27
N ARG B 62 -10.34 -1.96 7.97
CA ARG B 62 -11.08 -3.12 7.46
C ARG B 62 -10.08 -3.99 6.73
N ILE B 63 -9.96 -5.24 7.16
CA ILE B 63 -8.89 -6.14 6.74
C ILE B 63 -9.54 -7.38 6.14
N GLY B 64 -8.92 -7.92 5.10
CA GLY B 64 -9.44 -9.09 4.44
C GLY B 64 -10.44 -8.81 3.34
N LYS B 65 -10.53 -7.57 2.88
CA LYS B 65 -11.56 -7.19 1.94
C LYS B 65 -11.19 -7.47 0.48
N HIS B 66 -12.24 -7.56 -0.33
CA HIS B 66 -12.14 -7.68 -1.78
C HIS B 66 -13.10 -6.66 -2.39
N SER B 67 -14.40 -6.81 -2.12
CA SER B 67 -15.35 -5.79 -2.56
C SER B 67 -15.05 -4.46 -1.89
N ARG B 68 -15.18 -3.37 -2.66
CA ARG B 68 -14.96 -2.03 -2.12
C ARG B 68 -16.06 -1.66 -1.13
N THR B 69 -17.33 -1.82 -1.54
CA THR B 69 -18.41 -1.21 -0.78
C THR B 69 -19.19 -2.18 0.10
N ARG B 70 -19.13 -3.48 -0.19
N ARG B 70 -19.13 -3.46 -0.16
CA ARG B 70 -19.91 -4.45 0.55
CA ARG B 70 -19.98 -4.40 0.56
C ARG B 70 -19.32 -4.69 1.93
C ARG B 70 -19.34 -4.79 1.88
N TYR B 71 -20.17 -5.05 2.88
CA TYR B 71 -19.73 -5.59 4.16
C TYR B 71 -19.56 -7.10 3.97
N GLU B 72 -18.32 -7.58 3.99
CA GLU B 72 -18.01 -8.95 3.58
C GLU B 72 -18.07 -9.85 4.79
N ARG B 73 -19.31 -10.19 5.15
CA ARG B 73 -19.58 -10.97 6.33
C ARG B 73 -18.84 -12.30 6.29
N ASN B 74 -18.26 -12.65 7.44
CA ASN B 74 -17.51 -13.88 7.68
C ASN B 74 -16.15 -13.89 7.00
N ILE B 75 -15.74 -12.78 6.40
CA ILE B 75 -14.48 -12.69 5.65
C ILE B 75 -13.65 -11.53 6.14
N GLU B 76 -14.17 -10.32 6.00
CA GLU B 76 -13.42 -9.16 6.49
C GLU B 76 -13.52 -9.07 7.99
N LYS B 77 -12.55 -8.38 8.58
CA LYS B 77 -12.53 -8.10 10.01
C LYS B 77 -12.27 -6.61 10.18
N ILE B 78 -13.01 -6.00 11.10
CA ILE B 78 -12.98 -4.56 11.34
C ILE B 78 -12.35 -4.33 12.70
N SER B 79 -11.30 -3.51 12.72
CA SER B 79 -10.53 -3.26 13.93
C SER B 79 -10.54 -1.78 14.27
N MET B 80 -10.59 -1.49 15.57
CA MET B 80 -10.46 -0.14 16.08
C MET B 80 -9.00 0.18 16.34
N LEU B 81 -8.68 1.48 16.31
CA LEU B 81 -7.31 1.93 16.47
C LEU B 81 -7.02 2.23 17.94
N GLU B 82 -5.89 1.73 18.43
CA GLU B 82 -5.40 2.13 19.74
C GLU B 82 -4.62 3.44 19.66
N LYS B 83 -3.69 3.56 18.70
CA LYS B 83 -2.84 4.73 18.64
C LYS B 83 -2.29 4.91 17.24
N ILE B 84 -2.19 6.17 16.82
CA ILE B 84 -1.55 6.57 15.56
C ILE B 84 -0.16 7.11 15.87
N TYR B 85 0.81 6.75 15.03
CA TYR B 85 2.18 7.28 15.12
C TYR B 85 2.57 7.80 13.75
N ILE B 86 2.87 9.08 13.66
CA ILE B 86 3.32 9.71 12.42
C ILE B 86 4.80 10.00 12.52
N HIS B 87 5.51 9.80 11.42
CA HIS B 87 6.93 10.08 11.43
C HIS B 87 7.16 11.50 11.92
N PRO B 88 8.07 11.73 12.88
CA PRO B 88 8.25 13.08 13.44
C PRO B 88 8.81 14.08 12.45
N ARG B 89 9.42 13.63 11.36
CA ARG B 89 9.95 14.52 10.34
C ARG B 89 9.18 14.43 9.02
N TYR B 90 7.96 13.90 9.07
CA TYR B 90 7.06 13.96 7.92
C TYR B 90 6.88 15.42 7.48
N ASN B 91 7.18 15.68 6.21
CA ASN B 91 7.20 17.05 5.69
C ASN B 91 5.94 17.31 4.88
N TRP B 92 4.86 17.66 5.59
CA TRP B 92 3.62 18.00 4.92
C TRP B 92 3.66 19.41 4.34
N ARG B 93 4.61 20.24 4.77
N ARG B 93 4.62 20.23 4.77
CA ARG B 93 4.64 21.62 4.32
CA ARG B 93 4.65 21.62 4.33
C ARG B 93 5.12 21.72 2.88
C ARG B 93 5.14 21.74 2.89
N GLU B 94 6.03 20.84 2.45
CA GLU B 94 6.69 20.98 1.15
C GLU B 94 6.33 19.84 0.22
N ASN B 95 6.90 18.66 0.42
CA ASN B 95 6.96 17.64 -0.61
C ASN B 95 6.55 16.25 -0.13
N LEU B 96 5.98 16.13 1.07
CA LEU B 96 5.58 14.84 1.64
C LEU B 96 6.79 13.93 1.93
N ASP B 97 7.96 14.51 2.16
CA ASP B 97 9.10 13.69 2.59
C ASP B 97 8.74 12.91 3.84
N ARG B 98 9.18 11.64 3.87
CA ARG B 98 8.97 10.76 5.03
C ARG B 98 7.47 10.55 5.27
N ASP B 99 6.75 10.20 4.21
CA ASP B 99 5.29 10.05 4.23
C ASP B 99 4.94 8.65 4.73
N ILE B 100 4.97 8.50 6.05
CA ILE B 100 4.79 7.17 6.66
C ILE B 100 4.17 7.33 8.04
N ALA B 101 3.30 6.38 8.37
CA ALA B 101 2.64 6.34 9.66
C ALA B 101 2.31 4.90 10.00
N LEU B 102 2.24 4.63 11.30
CA LEU B 102 1.82 3.34 11.83
C LEU B 102 0.55 3.50 12.64
N MET B 103 -0.26 2.46 12.63
CA MET B 103 -1.47 2.39 13.44
C MET B 103 -1.44 1.09 14.23
N LYS B 104 -1.55 1.20 15.55
CA LYS B 104 -1.61 0.03 16.41
C LYS B 104 -3.08 -0.29 16.68
N LEU B 105 -3.44 -1.55 16.48
CA LEU B 105 -4.83 -1.97 16.68
C LEU B 105 -5.13 -2.22 18.14
N LYS B 106 -6.40 -2.04 18.52
CA LYS B 106 -6.78 -2.26 19.90
C LYS B 106 -6.64 -3.73 20.29
N LYS B 107 -6.91 -4.63 19.37
CA LYS B 107 -6.84 -6.08 19.61
C LYS B 107 -6.18 -6.72 18.41
N PRO B 108 -5.47 -7.83 18.59
CA PRO B 108 -4.88 -8.52 17.43
C PRO B 108 -5.96 -9.06 16.50
N VAL B 109 -5.68 -9.01 15.21
CA VAL B 109 -6.58 -9.56 14.19
C VAL B 109 -6.21 -11.01 13.95
N ALA B 110 -7.22 -11.83 13.74
CA ALA B 110 -7.00 -13.24 13.46
C ALA B 110 -6.64 -13.43 12.00
N PHE B 111 -5.52 -14.11 11.74
CA PHE B 111 -5.13 -14.39 10.37
C PHE B 111 -6.08 -15.45 9.78
N SER B 112 -6.19 -15.45 8.46
CA SER B 112 -7.08 -16.37 7.75
C SER B 112 -6.55 -16.50 6.32
N ASP B 113 -7.33 -17.20 5.47
CA ASP B 113 -6.98 -17.26 4.06
C ASP B 113 -6.93 -15.87 3.42
N TYR B 114 -7.63 -14.90 4.01
CA TYR B 114 -7.82 -13.57 3.43
C TYR B 114 -7.05 -12.48 4.16
N ILE B 115 -6.43 -12.81 5.29
CA ILE B 115 -5.80 -11.85 6.18
C ILE B 115 -4.44 -12.42 6.55
N HIS B 116 -3.38 -11.75 6.13
CA HIS B 116 -2.03 -12.27 6.36
C HIS B 116 -1.03 -11.15 6.17
N PRO B 117 0.01 -11.05 7.00
CA PRO B 117 0.91 -9.89 6.91
C PRO B 117 1.94 -9.99 5.80
N VAL B 118 2.34 -8.82 5.30
CA VAL B 118 3.45 -8.69 4.35
C VAL B 118 4.75 -8.53 5.11
N CYS B 119 5.86 -8.89 4.46
CA CYS B 119 7.16 -8.67 5.09
C CYS B 119 7.66 -7.25 4.84
N LEU B 120 8.48 -6.75 5.76
CA LEU B 120 9.19 -5.52 5.50
C LEU B 120 10.61 -5.84 5.07
N PRO B 121 11.20 -5.07 4.15
CA PRO B 121 12.49 -5.45 3.59
C PRO B 121 13.65 -5.26 4.55
N ASP B 122 14.62 -6.17 4.44
CA ASP B 122 15.95 -5.97 4.98
C ASP B 122 16.79 -5.19 3.99
N ARG B 123 17.97 -4.75 4.44
CA ARG B 123 18.83 -3.94 3.58
C ARG B 123 19.19 -4.67 2.29
N GLU B 124 19.46 -5.98 2.38
CA GLU B 124 19.93 -6.72 1.21
C GLU B 124 18.80 -6.94 0.20
N THR B 125 17.60 -7.26 0.67
CA THR B 125 16.48 -7.41 -0.26
C THR B 125 16.19 -6.07 -0.94
N ALA B 126 16.26 -4.96 -0.19
CA ALA B 126 16.04 -3.65 -0.79
C ALA B 126 17.09 -3.34 -1.84
N ALA B 127 18.37 -3.57 -1.51
CA ALA B 127 19.43 -3.27 -2.47
C ALA B 127 19.27 -4.10 -3.74
N SER B 128 18.87 -5.36 -3.58
N SER B 128 18.88 -5.37 -3.58
CA SER B 128 18.78 -6.26 -4.74
CA SER B 128 18.78 -6.26 -4.74
C SER B 128 17.59 -5.93 -5.62
C SER B 128 17.61 -5.89 -5.63
N LEU B 129 16.47 -5.52 -5.04
CA LEU B 129 15.24 -5.39 -5.81
C LEU B 129 14.88 -3.97 -6.22
N LEU B 130 15.39 -2.94 -5.55
CA LEU B 130 15.02 -1.57 -5.87
C LEU B 130 15.92 -1.04 -7.00
N GLN B 131 15.72 -1.62 -8.17
CA GLN B 131 16.50 -1.31 -9.35
C GLN B 131 15.58 -0.88 -10.47
N ALA B 132 16.02 0.09 -11.27
CA ALA B 132 15.19 0.55 -12.37
C ALA B 132 14.88 -0.61 -13.29
N GLY B 133 13.61 -0.71 -13.71
CA GLY B 133 13.14 -1.76 -14.54
C GLY B 133 12.50 -2.90 -13.78
N TYR B 134 12.89 -3.12 -12.54
CA TYR B 134 12.29 -4.17 -11.75
C TYR B 134 10.86 -3.77 -11.38
N LYS B 135 9.94 -4.71 -11.47
CA LYS B 135 8.54 -4.38 -11.30
C LYS B 135 8.05 -4.72 -9.90
N GLY B 136 7.21 -3.84 -9.35
CA GLY B 136 6.42 -4.12 -8.17
C GLY B 136 4.95 -4.08 -8.49
N ARG B 137 4.16 -4.26 -7.45
CA ARG B 137 2.72 -4.38 -7.59
C ARG B 137 2.03 -3.42 -6.64
N VAL B 138 1.07 -2.67 -7.15
N VAL B 138 1.07 -2.66 -7.14
CA VAL B 138 0.29 -1.72 -6.38
CA VAL B 138 0.31 -1.73 -6.33
C VAL B 138 -1.17 -2.15 -6.39
C VAL B 138 -1.16 -2.13 -6.39
N THR B 139 -1.83 -2.03 -5.24
CA THR B 139 -3.22 -2.45 -5.11
C THR B 139 -4.02 -1.39 -4.38
N GLY B 140 -5.31 -1.31 -4.70
CA GLY B 140 -6.16 -0.39 -3.98
C GLY B 140 -7.55 -0.31 -4.58
N TRP B 141 -8.39 0.44 -3.86
CA TRP B 141 -9.79 0.66 -4.24
C TRP B 141 -10.01 2.07 -4.75
N GLY B 142 -8.94 2.77 -5.12
CA GLY B 142 -9.06 4.14 -5.59
C GLY B 142 -9.64 4.23 -6.97
N ASN B 143 -9.73 5.47 -7.46
CA ASN B 143 -10.40 5.74 -8.70
C ASN B 143 -9.74 5.05 -9.88
N LEU B 144 -10.57 4.68 -10.86
CA LEU B 144 -10.10 4.03 -12.08
C LEU B 144 -9.58 5.03 -13.10
N LYS B 145 -9.85 6.32 -12.93
CA LYS B 145 -9.43 7.35 -13.88
C LYS B 145 -9.20 8.64 -13.11
N GLU B 146 -8.33 9.49 -13.65
CA GLU B 146 -8.08 10.77 -13.00
C GLU B 146 -9.35 11.61 -12.91
N THR B 147 -10.11 11.66 -13.99
CA THR B 147 -11.30 12.52 -14.07
C THR B 147 -12.56 11.70 -14.28
N GLY B 155 -15.99 5.05 -12.78
CA GLY B 155 -15.14 5.87 -11.93
C GLY B 155 -14.47 5.12 -10.80
N GLN B 156 -15.24 4.36 -10.05
CA GLN B 156 -14.72 3.66 -8.88
C GLN B 156 -14.97 2.16 -9.00
N PRO B 157 -14.07 1.34 -8.48
CA PRO B 157 -14.16 -0.10 -8.75
C PRO B 157 -15.09 -0.87 -7.83
N SER B 158 -15.64 -1.96 -8.37
CA SER B 158 -16.41 -2.87 -7.54
C SER B 158 -15.53 -3.66 -6.58
N VAL B 159 -14.35 -4.08 -7.03
CA VAL B 159 -13.45 -4.89 -6.21
C VAL B 159 -12.03 -4.32 -6.27
N LEU B 160 -11.21 -4.81 -5.36
CA LEU B 160 -9.81 -4.41 -5.28
C LEU B 160 -9.12 -4.54 -6.64
N GLN B 161 -8.33 -3.54 -7.00
CA GLN B 161 -7.61 -3.49 -8.26
C GLN B 161 -6.12 -3.68 -8.04
N VAL B 162 -5.45 -4.21 -9.07
N VAL B 162 -5.44 -4.20 -9.07
CA VAL B 162 -4.04 -4.52 -9.03
CA VAL B 162 -4.02 -4.53 -9.01
C VAL B 162 -3.40 -4.01 -10.32
C VAL B 162 -3.35 -4.11 -10.31
N VAL B 163 -2.15 -3.54 -10.20
CA VAL B 163 -1.35 -3.21 -11.37
C VAL B 163 0.13 -3.43 -11.03
N ASN B 164 0.87 -3.96 -11.99
CA ASN B 164 2.31 -4.14 -11.85
C ASN B 164 3.01 -3.02 -12.61
N LEU B 165 4.02 -2.41 -11.99
CA LEU B 165 4.67 -1.24 -12.57
C LEU B 165 6.17 -1.28 -12.33
N PRO B 166 6.96 -0.85 -13.30
CA PRO B 166 8.42 -0.85 -13.13
C PRO B 166 8.93 0.34 -12.35
N ILE B 167 9.93 0.10 -11.51
CA ILE B 167 10.67 1.18 -10.86
C ILE B 167 11.41 1.98 -11.93
N VAL B 168 11.46 3.29 -11.74
CA VAL B 168 12.07 4.20 -12.71
C VAL B 168 13.36 4.77 -12.14
N GLU B 169 14.31 4.99 -13.05
CA GLU B 169 15.59 5.60 -12.73
C GLU B 169 15.39 6.95 -12.04
N ARG B 170 16.19 7.20 -10.99
N ARG B 170 16.19 7.20 -10.99
CA ARG B 170 16.00 8.42 -10.21
CA ARG B 170 16.00 8.42 -10.21
C ARG B 170 16.11 9.70 -11.03
C ARG B 170 16.13 9.70 -11.03
N PRO B 171 17.04 9.84 -11.99
CA PRO B 171 17.07 11.07 -12.79
C PRO B 171 15.79 11.29 -13.57
N VAL B 172 15.15 10.22 -14.06
CA VAL B 172 13.89 10.36 -14.79
C VAL B 172 12.77 10.79 -13.83
N CYS B 173 12.72 10.21 -12.64
CA CYS B 173 11.77 10.67 -11.63
C CYS B 173 11.94 12.17 -11.39
N LYS B 174 13.18 12.60 -11.18
CA LYS B 174 13.43 14.01 -10.85
C LYS B 174 13.05 14.92 -12.00
N ASP B 175 13.33 14.49 -13.23
CA ASP B 175 13.07 15.33 -14.40
C ASP B 175 11.62 15.35 -14.82
N SER B 176 10.76 14.59 -14.15
CA SER B 176 9.34 14.52 -14.48
C SER B 176 8.49 15.52 -13.71
N THR B 177 9.09 16.28 -12.78
CA THR B 177 8.32 17.05 -11.83
C THR B 177 9.13 18.25 -11.39
N ARG B 178 8.42 19.29 -10.93
CA ARG B 178 9.06 20.43 -10.29
C ARG B 178 9.22 20.23 -8.79
N ILE B 179 8.58 19.21 -8.22
CA ILE B 179 8.70 18.93 -6.80
C ILE B 179 10.10 18.41 -6.50
N ARG B 180 10.64 18.80 -5.34
CA ARG B 180 11.93 18.31 -4.88
C ARG B 180 11.80 16.85 -4.41
N ILE B 181 12.49 15.95 -5.08
CA ILE B 181 12.47 14.53 -4.73
C ILE B 181 13.56 14.28 -3.70
N THR B 182 13.31 13.35 -2.79
CA THR B 182 14.30 12.98 -1.79
C THR B 182 14.59 11.49 -1.87
N ASP B 183 15.66 11.09 -1.16
CA ASP B 183 16.04 9.68 -1.06
C ASP B 183 14.98 8.84 -0.36
N ASN B 184 14.03 9.46 0.35
CA ASN B 184 12.95 8.74 1.01
C ASN B 184 11.77 8.45 0.09
N MET B 185 11.93 8.72 -1.20
CA MET B 185 10.93 8.47 -2.21
C MET B 185 11.56 7.66 -3.34
N PHE B 186 10.74 6.87 -4.02
CA PHE B 186 11.09 6.37 -5.34
C PHE B 186 9.89 6.54 -6.25
N CYS B 187 10.09 6.40 -7.56
CA CYS B 187 8.95 6.49 -8.47
C CYS B 187 8.88 5.25 -9.35
N ALA B 188 7.67 5.02 -9.88
CA ALA B 188 7.40 3.84 -10.67
C ALA B 188 6.32 4.15 -11.68
N GLY B 189 6.33 3.43 -12.78
CA GLY B 189 5.39 3.60 -13.88
C GLY B 189 6.12 3.42 -15.19
N TYR B 190 5.31 3.26 -16.25
CA TYR B 190 5.84 3.13 -17.59
C TYR B 190 6.15 4.50 -18.19
N LYS B 191 7.16 4.52 -19.05
CA LYS B 191 7.47 5.72 -19.83
C LYS B 191 6.56 5.80 -21.04
N PRO B 192 6.39 6.99 -21.60
CA PRO B 192 5.52 7.12 -22.78
C PRO B 192 5.89 6.17 -23.90
N ASP B 193 7.18 5.97 -24.16
CA ASP B 193 7.61 5.11 -25.25
C ASP B 193 7.41 3.62 -24.96
N GLU B 194 7.02 3.25 -23.74
CA GLU B 194 6.90 1.84 -23.36
C GLU B 194 5.55 1.23 -23.71
N GLY B 195 4.59 2.06 -24.11
N GLY B 195 4.55 2.03 -24.05
CA GLY B 195 3.27 1.59 -24.50
CA GLY B 195 3.31 1.47 -24.58
C GLY B 195 2.34 1.30 -23.37
C GLY B 195 2.49 0.56 -23.68
N LYS B 196 2.81 0.54 -22.39
CA LYS B 196 1.92 0.04 -21.35
C LYS B 196 1.64 1.19 -20.40
N ARG B 197 0.58 1.05 -19.60
CA ARG B 197 0.13 2.14 -18.75
C ARG B 197 -0.17 1.60 -17.36
N GLY B 198 -0.61 2.48 -16.48
CA GLY B 198 -1.00 2.11 -15.13
C GLY B 198 -0.45 3.08 -14.10
N ASP B 199 -1.22 3.29 -13.04
CA ASP B 199 -0.82 4.16 -11.95
C ASP B 199 -1.79 3.95 -10.80
N ALA B 200 -1.36 4.36 -9.62
CA ALA B 200 -2.27 4.58 -8.51
C ALA B 200 -3.05 5.86 -8.76
N CYS B 201 -4.15 6.02 -8.03
CA CYS B 201 -4.97 7.24 -8.17
C CYS B 201 -5.63 7.56 -6.84
N GLU B 202 -6.53 8.55 -6.86
N GLU B 202 -6.53 8.54 -6.86
CA GLU B 202 -7.16 9.02 -5.63
CA GLU B 202 -7.13 9.03 -5.62
C GLU B 202 -7.87 7.87 -4.93
C GLU B 202 -7.89 7.91 -4.92
N GLY B 203 -7.56 7.70 -3.65
CA GLY B 203 -8.09 6.61 -2.87
C GLY B 203 -7.13 5.45 -2.66
N ASP B 204 -6.08 5.38 -3.48
CA ASP B 204 -5.06 4.35 -3.34
C ASP B 204 -3.97 4.74 -2.37
N SER B 205 -3.84 6.03 -2.05
CA SER B 205 -2.86 6.53 -1.11
C SER B 205 -2.79 5.67 0.13
N GLY B 206 -1.57 5.45 0.62
CA GLY B 206 -1.33 4.69 1.81
C GLY B 206 -1.22 3.22 1.60
N GLY B 207 -1.62 2.71 0.44
CA GLY B 207 -1.53 1.29 0.15
C GLY B 207 -0.13 0.87 -0.25
N PRO B 208 0.05 -0.43 -0.42
CA PRO B 208 1.41 -0.98 -0.58
C PRO B 208 1.85 -1.15 -2.02
N PHE B 209 3.17 -0.93 -2.22
CA PHE B 209 3.92 -1.33 -3.41
C PHE B 209 4.77 -2.51 -2.96
N VAL B 210 4.46 -3.68 -3.52
CA VAL B 210 5.11 -4.91 -3.07
C VAL B 210 5.90 -5.54 -4.20
N MET B 211 6.89 -6.35 -3.79
CA MET B 211 7.71 -7.12 -4.71
C MET B 211 7.87 -8.51 -4.14
N LYS B 212 7.93 -9.51 -5.03
CA LYS B 212 8.07 -10.90 -4.60
C LYS B 212 9.55 -11.27 -4.74
N SER B 213 10.20 -11.52 -3.62
CA SER B 213 11.62 -11.83 -3.67
C SER B 213 11.86 -13.12 -4.44
N PRO B 214 12.75 -13.12 -5.43
CA PRO B 214 13.09 -14.38 -6.13
C PRO B 214 14.04 -15.26 -5.32
N PHE B 215 14.56 -14.76 -4.22
CA PHE B 215 15.48 -15.50 -3.36
C PHE B 215 14.74 -16.37 -2.39
N ASN B 216 13.63 -15.89 -1.81
CA ASN B 216 12.91 -16.68 -0.81
C ASN B 216 11.41 -16.79 -1.08
N ASN B 217 10.94 -16.26 -2.21
CA ASN B 217 9.54 -16.38 -2.64
C ASN B 217 8.56 -15.72 -1.68
N ARG B 218 9.00 -14.73 -0.91
CA ARG B 218 8.13 -13.98 -0.03
C ARG B 218 7.87 -12.58 -0.60
N TRP B 219 6.69 -12.07 -0.29
CA TRP B 219 6.32 -10.70 -0.67
C TRP B 219 6.80 -9.70 0.37
N TYR B 220 7.44 -8.64 -0.13
CA TYR B 220 7.98 -7.56 0.66
C TYR B 220 7.34 -6.24 0.26
N GLN B 221 7.04 -5.42 1.25
CA GLN B 221 6.52 -4.08 0.97
C GLN B 221 7.68 -3.10 0.85
N MET B 222 7.95 -2.67 -0.38
CA MET B 222 9.03 -1.75 -0.65
C MET B 222 8.58 -0.30 -0.60
N GLY B 223 7.30 -0.05 -0.89
CA GLY B 223 6.81 1.31 -1.02
C GLY B 223 5.43 1.48 -0.41
N ILE B 224 5.09 2.74 -0.18
CA ILE B 224 3.74 3.16 0.20
C ILE B 224 3.28 4.18 -0.84
N VAL B 225 2.07 4.01 -1.38
CA VAL B 225 1.54 5.01 -2.33
C VAL B 225 1.51 6.37 -1.65
N SER B 226 2.30 7.31 -2.19
CA SER B 226 2.47 8.61 -1.55
C SER B 226 1.87 9.78 -2.32
N TRP B 227 2.33 10.06 -3.53
CA TRP B 227 1.81 11.21 -4.26
C TRP B 227 2.00 11.03 -5.76
N GLY B 228 1.27 11.85 -6.52
CA GLY B 228 1.43 11.92 -7.95
C GLY B 228 0.82 13.23 -8.42
N GLU B 229 1.03 13.50 -9.69
CA GLU B 229 0.47 14.68 -10.34
C GLU B 229 -0.51 14.16 -11.39
N GLY B 230 -1.79 14.21 -11.07
CA GLY B 230 -2.76 13.51 -11.88
C GLY B 230 -2.66 12.00 -11.64
N CYS B 231 -3.23 11.25 -12.58
CA CYS B 231 -3.13 9.79 -12.53
C CYS B 231 -2.90 9.28 -13.94
N ASP B 232 -1.88 8.44 -14.12
CA ASP B 232 -1.60 7.79 -15.39
C ASP B 232 -1.37 8.80 -16.52
N ARG B 233 -0.77 9.93 -16.22
CA ARG B 233 -0.43 10.88 -17.25
C ARG B 233 0.87 10.49 -17.92
N ASP B 234 0.95 10.68 -19.24
CA ASP B 234 2.20 10.44 -19.96
C ASP B 234 3.29 11.36 -19.40
N GLY B 235 4.46 10.79 -19.13
CA GLY B 235 5.58 11.55 -18.62
C GLY B 235 5.56 11.82 -17.14
N LYS B 236 4.52 11.41 -16.43
CA LYS B 236 4.44 11.51 -14.99
C LYS B 236 4.60 10.10 -14.42
N TYR B 237 4.99 10.04 -13.15
CA TYR B 237 5.21 8.78 -12.45
C TYR B 237 4.60 8.87 -11.07
N GLY B 238 4.17 7.72 -10.54
CA GLY B 238 3.72 7.69 -9.17
C GLY B 238 4.92 7.66 -8.22
N PHE B 239 4.79 8.38 -7.12
CA PHE B 239 5.82 8.44 -6.08
C PHE B 239 5.40 7.64 -4.85
N TYR B 240 6.39 6.94 -4.28
CA TYR B 240 6.20 5.97 -3.22
C TYR B 240 7.18 6.25 -2.10
N THR B 241 6.71 6.15 -0.86
CA THR B 241 7.59 6.22 0.30
C THR B 241 8.52 5.03 0.28
N HIS B 242 9.81 5.30 0.48
CA HIS B 242 10.85 4.25 0.50
C HIS B 242 10.87 3.60 1.87
N VAL B 243 10.20 2.46 1.99
CA VAL B 243 9.98 1.82 3.29
C VAL B 243 11.30 1.46 3.96
N PHE B 244 12.23 0.86 3.21
CA PHE B 244 13.45 0.43 3.86
C PHE B 244 14.19 1.63 4.48
N ARG B 245 14.23 2.77 3.78
N ARG B 245 14.24 2.77 3.78
CA ARG B 245 14.98 3.91 4.30
CA ARG B 245 14.99 3.90 4.31
C ARG B 245 14.37 4.48 5.57
C ARG B 245 14.38 4.43 5.60
N LEU B 246 13.11 4.14 5.88
CA LEU B 246 12.45 4.58 7.09
C LEU B 246 12.25 3.45 8.08
N LYS B 247 12.89 2.30 7.86
CA LYS B 247 12.60 1.14 8.69
C LYS B 247 13.13 1.28 10.12
N LYS B 248 14.21 2.04 10.31
CA LYS B 248 14.71 2.26 11.66
C LYS B 248 13.65 2.95 12.52
N TRP B 249 12.90 3.87 11.93
CA TRP B 249 11.79 4.50 12.66
C TRP B 249 10.67 3.50 12.92
N ILE B 250 10.29 2.71 11.91
CA ILE B 250 9.29 1.68 12.13
C ILE B 250 9.68 0.80 13.31
N GLN B 251 10.92 0.30 13.31
CA GLN B 251 11.37 -0.61 14.36
C GLN B 251 11.36 0.07 15.72
N LYS B 252 11.80 1.34 15.77
CA LYS B 252 11.80 2.06 17.04
C LYS B 252 10.38 2.17 17.60
N VAL B 253 9.41 2.48 16.76
CA VAL B 253 8.03 2.58 17.23
C VAL B 253 7.54 1.24 17.74
N ILE B 254 7.74 0.18 16.96
CA ILE B 254 7.22 -1.13 17.37
C ILE B 254 7.93 -1.62 18.62
N ASP B 255 9.23 -1.39 18.74
CA ASP B 255 9.96 -1.81 19.94
C ASP B 255 9.52 -1.03 21.17
N GLN B 256 9.20 0.26 21.00
CA GLN B 256 8.88 1.10 22.15
C GLN B 256 7.43 0.99 22.56
N PHE B 257 6.53 0.65 21.64
CA PHE B 257 5.10 0.65 21.90
C PHE B 257 4.43 -0.69 21.63
N GLY B 258 5.15 -1.66 21.11
CA GLY B 258 4.59 -2.97 20.83
C GLY B 258 4.76 -3.93 22.00
N PHE C 3 -21.66 2.72 0.09
CA PHE C 3 -21.13 1.73 1.02
C PHE C 3 -22.23 1.05 1.82
N GLU C 4 -22.17 -0.26 1.94
CA GLU C 4 -23.10 -0.99 2.76
C GLU C 4 -22.80 -0.72 4.23
N GLU C 5 -23.86 -0.57 5.03
CA GLU C 5 -23.69 -0.27 6.45
C GLU C 5 -22.92 -1.40 7.12
N ILE C 6 -22.02 -1.04 8.03
CA ILE C 6 -21.27 -2.04 8.78
C ILE C 6 -21.99 -2.30 10.11
N PRO C 7 -21.74 -3.44 10.75
CA PRO C 7 -22.40 -3.72 12.03
C PRO C 7 -22.16 -2.60 13.04
N GLU C 8 -23.21 -2.29 13.81
CA GLU C 8 -23.14 -1.18 14.76
C GLU C 8 -22.09 -1.42 15.84
N GLU C 9 -21.77 -2.66 16.12
CA GLU C 9 -20.78 -2.97 17.15
C GLU C 9 -19.43 -2.28 16.90
N TYS C 10 -19.10 -2.05 15.63
CA TYS C 10 -17.83 -1.43 15.32
CB TYS C 10 -17.35 -1.79 13.90
CG TYS C 10 -17.26 -3.29 13.73
CD1 TYS C 10 -18.14 -3.93 12.86
CD2 TYS C 10 -16.32 -4.03 14.43
CE1 TYS C 10 -18.09 -5.32 12.70
CE2 TYS C 10 -16.27 -5.41 14.26
CZ TYS C 10 -17.15 -6.06 13.40
OH TYS C 10 -17.10 -7.41 13.22
S TYS C 10 -16.12 -8.05 12.21
O1 TYS C 10 -16.40 -9.47 12.24
O2 TYS C 10 -16.35 -7.52 10.89
O3 TYS C 10 -14.62 -7.79 12.74
C TYS C 10 -17.86 0.06 15.38
O TYS C 10 -16.78 0.70 15.32
H TYS C 10 -19.60 -2.26 14.96
HA TYS C 10 -17.22 -1.78 15.99
HB2 TYS C 10 -16.48 -1.41 13.74
HB3 TYS C 10 -17.97 -1.43 13.25
HD1 TYS C 10 -18.77 -3.43 12.39
HD2 TYS C 10 -15.73 -3.61 15.01
HE1 TYS C 10 -18.69 -5.74 12.12
HE2 TYS C 10 -15.64 -5.91 14.74
N LEU C 11 -19.04 0.66 15.52
CA LEU C 11 -19.15 2.11 15.54
C LEU C 11 -19.39 2.62 16.97
N GLN C 12 -19.56 1.70 17.90
CA GLN C 12 -19.85 2.07 19.29
C GLN C 12 -18.57 2.18 20.10
NA NA D . 2.64 8.06 -16.41
NA NA E . 12.69 18.32 -11.82
S DMS F . 3.44 17.03 -3.29
O DMS F . 4.54 16.03 -3.07
C1 DMS F . 1.90 16.18 -3.70
C2 DMS F . 2.97 17.80 -1.72
S DMS G . 6.51 16.92 -17.37
O DMS G . 5.31 17.24 -16.53
C1 DMS G . 6.24 15.34 -18.20
C2 DMS G . 6.45 17.96 -18.84
P PO4 H . 13.02 17.92 4.80
O1 PO4 H . 12.15 17.65 6.00
O2 PO4 H . 12.43 17.20 3.60
O3 PO4 H . 13.02 19.41 4.53
O4 PO4 H . 14.41 17.44 5.07
N DAR I . -3.53 11.94 -4.45
CA DAR I . -3.44 10.63 -3.79
CB DAR I . -2.86 9.59 -4.76
CG DAR I . -1.33 9.65 -4.80
CD DAR I . -0.75 8.79 -5.87
NE DAR I . -1.09 9.27 -7.22
CZ DAR I . -0.49 8.71 -8.36
NH1 DAR I . 0.37 7.75 -8.24
NH2 DAR I . -0.94 9.28 -9.56
C DAR I . -4.79 10.17 -3.24
O DAR I . -5.62 11.17 -3.07
OXT DAR I . -5.04 9.00 -3.01
C1 NAG J . -3.03 17.20 14.86
C2 NAG J . -2.07 18.33 15.23
C3 NAG J . -1.53 18.11 16.65
C4 NAG J . -2.66 17.90 17.63
C5 NAG J . -3.60 16.80 17.15
C6 NAG J . -4.82 16.63 18.02
C7 NAG J . -0.87 19.47 13.43
C8 NAG J . 0.32 19.42 12.51
N2 NAG J . -0.99 18.44 14.28
O3 NAG J . -0.75 19.23 17.03
O4 NAG J . -2.13 17.53 18.90
O5 NAG J . -4.06 17.11 15.83
O6 NAG J . -5.73 17.70 17.83
O7 NAG J . -1.68 20.39 13.40
#